data_8XJH
#
_entry.id   8XJH
#
_cell.length_a   55.450
_cell.length_b   85.550
_cell.length_c   86.170
_cell.angle_alpha   90.00
_cell.angle_beta   90.00
_cell.angle_gamma   90.00
#
_symmetry.space_group_name_H-M   'P 21 21 21'
#
loop_
_entity.id
_entity.type
_entity.pdbx_description
1 polymer 'GCN5-related N-acetyltransferase 8'
2 non-polymer GLYCEROL
3 non-polymer '[[(2~{S},3~{S},4~{R},5~{R})-5-(6-aminopurin-9-yl)-4-oxidanyl-3-phosphonooxy-oxolan-2-yl]methoxy-oxidanyl-phosphoryl] [(3~{R})-4-[[3-[2-[2-[3-[[(2~{R})-4-[[[(2~{R},3~{S},4~{R},5~{R})-5-(6-aminopurin-9-yl)-4-oxidanyl-3-phosphonooxy-oxolan-2-yl]methoxy-oxidanyl-phosphoryl]oxy-oxidanyl-phosphoryl]oxy-3,3-dimethyl-2-oxidanyl-butanoyl]amino]propanoylamino]ethyldisulfanyl]ethylamino]-3-oxidanylidene-propyl]amino]-2,2-dimethyl-3-oxidanyl-4-oxidanylidene-butyl] hydrogen phosphate'
4 water water
#
_entity_poly.entity_id   1
_entity_poly.type   'polypeptide(L)'
_entity_poly.pdbx_seq_one_letter_code
;GPLGSMFSRIRLATPSDVPFIHKLIHQMAVFERLTHLFSATESGLASTLFTSRPFQSFTVFLLEVSRSPFPATITSSPSP
DFTPFFKTHNLDLPIDDPESYNFSPDMLNDVVVAGFVLFFPNYSSFLSKPGFYIEDIFVREPYRRKGFGSMLLTAVAKQA
VKMGYGRVEWVVLDWNVNAIKFYEQMGAQILQEWRVCRLTGDALEAFDQVNI
;
_entity_poly.pdbx_strand_id   A,B
#
# COMPACT_ATOMS: atom_id res chain seq x y z
N MET A 6 33.59 -7.45 -7.79
CA MET A 6 32.45 -6.61 -8.28
C MET A 6 31.89 -5.81 -7.11
N PHE A 7 31.75 -4.49 -7.32
CA PHE A 7 31.19 -3.60 -6.32
C PHE A 7 29.69 -3.45 -6.61
N SER A 8 28.90 -3.24 -5.57
CA SER A 8 27.49 -3.01 -5.75
C SER A 8 27.04 -1.87 -4.84
N ARG A 9 25.95 -1.22 -5.25
CA ARG A 9 25.38 -0.12 -4.51
C ARG A 9 23.87 -0.15 -4.72
N ILE A 10 23.12 0.21 -3.69
CA ILE A 10 21.68 0.38 -3.82
C ILE A 10 21.39 1.85 -3.59
N ARG A 11 20.62 2.45 -4.50
CA ARG A 11 20.31 3.88 -4.39
C ARG A 11 18.86 4.12 -4.80
N LEU A 12 18.34 5.28 -4.40
CA LEU A 12 17.03 5.72 -4.82
C LEU A 12 17.06 6.06 -6.31
N ALA A 13 16.02 5.65 -7.01
CA ALA A 13 15.83 6.06 -8.39
C ALA A 13 15.37 7.51 -8.43
N THR A 14 15.81 8.23 -9.47
CA THR A 14 15.32 9.55 -9.79
C THR A 14 14.64 9.47 -11.16
N PRO A 15 13.97 10.55 -11.63
CA PRO A 15 13.42 10.58 -12.99
C PRO A 15 14.40 10.24 -14.12
N SER A 16 15.68 10.57 -13.99
CA SER A 16 16.63 10.26 -15.05
C SER A 16 16.84 8.74 -15.21
N ASP A 17 16.42 7.97 -14.20
CA ASP A 17 16.53 6.51 -14.24
C ASP A 17 15.36 5.81 -14.93
N VAL A 18 14.37 6.60 -15.39
CA VAL A 18 13.15 6.07 -15.96
C VAL A 18 13.43 5.03 -17.04
N PRO A 19 14.31 5.26 -18.04
CA PRO A 19 14.62 4.26 -19.06
C PRO A 19 15.08 2.91 -18.51
N PHE A 20 15.94 2.93 -17.48
CA PHE A 20 16.42 1.70 -16.90
C PHE A 20 15.28 0.96 -16.18
N ILE A 21 14.46 1.70 -15.45
CA ILE A 21 13.36 1.09 -14.70
C ILE A 21 12.37 0.47 -15.70
N HIS A 22 12.08 1.21 -16.77
CA HIS A 22 11.15 0.71 -17.78
C HIS A 22 11.71 -0.55 -18.42
N LYS A 23 13.02 -0.60 -18.71
CA LYS A 23 13.59 -1.79 -19.31
C LYS A 23 13.60 -2.97 -18.33
N LEU A 24 13.79 -2.71 -17.03
CA LEU A 24 13.77 -3.76 -16.02
C LEU A 24 12.36 -4.36 -15.95
N ILE A 25 11.33 -3.50 -15.97
CA ILE A 25 9.96 -3.97 -15.91
C ILE A 25 9.65 -4.80 -17.15
N HIS A 26 10.15 -4.37 -18.32
CA HIS A 26 10.02 -5.10 -19.58
C HIS A 26 10.57 -6.51 -19.42
N GLN A 27 11.79 -6.62 -18.87
CA GLN A 27 12.41 -7.93 -18.72
C GLN A 27 11.60 -8.78 -17.75
N MET A 28 11.14 -8.15 -16.68
CA MET A 28 10.34 -8.84 -15.69
C MET A 28 9.04 -9.34 -16.32
N ALA A 29 8.37 -8.50 -17.12
CA ALA A 29 7.12 -8.92 -17.74
C ALA A 29 7.37 -10.10 -18.68
N VAL A 30 8.49 -10.06 -19.43
CA VAL A 30 8.84 -11.16 -20.32
C VAL A 30 9.03 -12.44 -19.50
N PHE A 31 9.84 -12.36 -18.44
CA PHE A 31 10.13 -13.53 -17.62
C PHE A 31 8.83 -14.13 -17.05
N GLU A 32 7.94 -13.26 -16.56
CA GLU A 32 6.75 -13.69 -15.83
C GLU A 32 5.56 -13.88 -16.76
N ARG A 33 5.73 -13.69 -18.07
CA ARG A 33 4.68 -13.92 -19.06
C ARG A 33 3.52 -12.96 -18.85
N LEU A 34 3.84 -11.70 -18.60
CA LEU A 34 2.82 -10.70 -18.36
C LEU A 34 2.89 -9.59 -19.39
N THR A 35 3.50 -9.83 -20.55
CA THR A 35 3.71 -8.76 -21.52
C THR A 35 2.37 -8.25 -22.03
N HIS A 36 1.34 -9.11 -22.07
CA HIS A 36 0.03 -8.70 -22.58
C HIS A 36 -0.60 -7.60 -21.69
N LEU A 37 -0.20 -7.47 -20.43
CA LEU A 37 -0.79 -6.43 -19.61
C LEU A 37 0.23 -5.33 -19.29
N PHE A 38 1.37 -5.31 -20.00
CA PHE A 38 2.39 -4.30 -19.72
C PHE A 38 2.04 -3.02 -20.47
N SER A 39 1.36 -2.09 -19.79
CA SER A 39 0.90 -0.85 -20.40
C SER A 39 1.62 0.37 -19.83
N ALA A 40 2.45 0.19 -18.77
CA ALA A 40 3.22 1.29 -18.22
C ALA A 40 4.16 1.88 -19.28
N THR A 41 4.31 3.20 -19.29
CA THR A 41 5.11 3.88 -20.30
C THR A 41 6.23 4.61 -19.57
N GLU A 42 7.25 5.02 -20.34
CA GLU A 42 8.31 5.82 -19.79
C GLU A 42 7.72 7.11 -19.24
N SER A 43 6.84 7.77 -20.00
CA SER A 43 6.37 9.09 -19.57
C SER A 43 5.49 8.96 -18.34
N GLY A 44 4.71 7.87 -18.25
CA GLY A 44 3.93 7.59 -17.05
C GLY A 44 4.80 7.35 -15.82
N LEU A 45 5.85 6.53 -15.97
CA LEU A 45 6.82 6.30 -14.90
C LEU A 45 7.47 7.62 -14.46
N ALA A 46 7.94 8.41 -15.44
CA ALA A 46 8.66 9.64 -15.20
C ALA A 46 7.81 10.64 -14.44
N SER A 47 6.53 10.71 -14.79
CA SER A 47 5.56 11.54 -14.10
C SER A 47 5.45 11.11 -12.63
N THR A 48 5.32 9.81 -12.41
CA THR A 48 5.25 9.27 -11.06
C THR A 48 6.52 9.58 -10.26
N LEU A 49 7.71 9.44 -10.88
CA LEU A 49 8.97 9.69 -10.19
C LEU A 49 9.13 11.18 -9.87
N PHE A 50 8.68 12.07 -10.76
CA PHE A 50 8.66 13.49 -10.45
C PHE A 50 7.69 13.82 -9.32
N THR A 51 6.58 13.05 -9.21
CA THR A 51 5.47 13.40 -8.35
C THR A 51 5.63 12.79 -6.96
N SER A 52 6.47 11.76 -6.82
CA SER A 52 6.41 10.94 -5.62
C SER A 52 7.53 11.31 -4.65
N ARG A 53 7.22 11.51 -3.36
CA ARG A 53 8.26 11.74 -2.37
C ARG A 53 8.77 10.36 -1.92
N PRO A 54 10.10 10.09 -1.96
CA PRO A 54 10.61 8.79 -1.55
C PRO A 54 10.09 8.40 -0.18
N PHE A 55 9.63 7.15 -0.07
CA PHE A 55 9.23 6.50 1.16
C PHE A 55 7.83 6.95 1.61
N GLN A 56 7.25 7.98 1.00
CA GLN A 56 5.90 8.41 1.32
C GLN A 56 4.94 8.15 0.17
N SER A 57 5.44 7.48 -0.88
CA SER A 57 4.70 7.19 -2.10
C SER A 57 5.48 6.08 -2.82
N PHE A 58 5.20 5.90 -4.11
CA PHE A 58 5.96 5.04 -5.01
C PHE A 58 7.45 5.32 -4.86
N THR A 59 8.21 4.25 -4.60
CA THR A 59 9.63 4.34 -4.35
C THR A 59 10.32 3.19 -5.08
N VAL A 60 11.45 3.51 -5.73
CA VAL A 60 12.30 2.49 -6.32
C VAL A 60 13.71 2.61 -5.76
N PHE A 61 14.24 1.46 -5.30
CA PHE A 61 15.67 1.32 -5.13
C PHE A 61 16.23 0.58 -6.34
N LEU A 62 17.33 1.11 -6.88
CA LEU A 62 18.06 0.44 -7.95
C LEU A 62 19.31 -0.20 -7.38
N LEU A 63 19.61 -1.39 -7.90
CA LEU A 63 20.89 -2.04 -7.66
C LEU A 63 21.79 -1.80 -8.86
N GLU A 64 22.99 -1.29 -8.60
CA GLU A 64 23.99 -1.07 -9.63
C GLU A 64 25.25 -1.84 -9.25
N VAL A 65 25.98 -2.27 -10.27
CA VAL A 65 27.23 -2.97 -10.08
C VAL A 65 28.30 -2.28 -10.92
N SER A 66 29.53 -2.46 -10.50
CA SER A 66 30.65 -1.87 -11.20
C SER A 66 31.89 -2.70 -10.88
N ARG A 67 32.82 -2.73 -11.83
CA ARG A 67 34.09 -3.37 -11.62
C ARG A 67 35.01 -2.45 -10.82
N SER A 68 34.67 -1.14 -10.74
CA SER A 68 35.43 -0.22 -9.90
C SER A 68 34.52 0.33 -8.81
N PRO A 69 35.07 0.82 -7.67
CA PRO A 69 34.25 1.24 -6.53
C PRO A 69 33.40 2.47 -6.83
N PHE A 70 32.31 2.61 -6.07
CA PHE A 70 31.37 3.71 -6.22
C PHE A 70 31.74 4.92 -5.38
N PRO A 71 31.30 6.14 -5.79
CA PRO A 71 31.67 7.39 -5.11
C PRO A 71 31.48 7.48 -3.60
N ALA A 72 30.47 6.80 -3.05
CA ALA A 72 30.30 6.75 -1.60
C ALA A 72 30.10 8.16 -1.03
N PRO A 78 17.98 11.30 -2.65
CA PRO A 78 16.86 12.15 -2.99
C PRO A 78 15.78 12.30 -1.91
N SER A 79 16.16 12.11 -0.64
CA SER A 79 15.25 12.26 0.49
C SER A 79 16.05 12.39 1.78
N PRO A 80 15.63 13.26 2.74
CA PRO A 80 16.31 13.37 4.03
C PRO A 80 16.58 12.03 4.74
N ASP A 81 15.77 11.02 4.41
CA ASP A 81 15.66 9.80 5.20
C ASP A 81 16.53 8.67 4.64
N PHE A 82 17.45 8.98 3.72
CA PHE A 82 18.15 7.91 3.02
C PHE A 82 19.61 8.26 2.72
N THR A 83 20.46 7.26 2.90
CA THR A 83 21.79 7.24 2.31
C THR A 83 21.93 5.90 1.60
N PRO A 84 22.77 5.80 0.54
CA PRO A 84 22.89 4.57 -0.26
C PRO A 84 23.43 3.40 0.57
N PHE A 85 23.00 2.18 0.23
CA PHE A 85 23.55 0.96 0.79
C PHE A 85 24.62 0.38 -0.16
N PHE A 86 25.61 -0.34 0.39
CA PHE A 86 26.75 -0.83 -0.39
C PHE A 86 27.08 -2.27 0.00
N LYS A 87 27.71 -3.01 -0.92
CA LYS A 87 28.29 -4.31 -0.63
C LYS A 87 29.26 -4.68 -1.74
N THR A 88 30.48 -5.07 -1.35
CA THR A 88 31.45 -5.64 -2.29
C THR A 88 31.25 -7.14 -2.40
N HIS A 89 31.58 -7.65 -3.60
CA HIS A 89 31.52 -9.06 -3.94
C HIS A 89 32.85 -9.47 -4.56
N ASN A 90 32.98 -10.75 -4.90
CA ASN A 90 34.20 -11.25 -5.50
C ASN A 90 33.82 -12.37 -6.46
N LEU A 91 34.44 -12.36 -7.65
CA LEU A 91 34.06 -13.26 -8.73
C LEU A 91 34.92 -12.97 -9.95
N ASP A 92 35.87 -13.88 -10.22
CA ASP A 92 36.60 -13.89 -11.49
C ASP A 92 35.92 -14.82 -12.48
N LEU A 93 34.68 -15.24 -12.18
CA LEU A 93 33.78 -15.75 -13.21
C LEU A 93 33.39 -14.60 -14.14
N PRO A 94 33.51 -14.74 -15.48
CA PRO A 94 32.95 -13.73 -16.39
C PRO A 94 31.42 -13.70 -16.24
N ILE A 95 30.85 -12.48 -16.22
CA ILE A 95 29.40 -12.33 -16.35
C ILE A 95 29.11 -11.90 -17.78
N ASP A 96 28.34 -12.73 -18.49
CA ASP A 96 27.97 -12.47 -19.86
C ASP A 96 26.71 -11.62 -19.85
N ASP A 97 26.87 -10.31 -20.11
CA ASP A 97 25.76 -9.39 -20.10
C ASP A 97 25.83 -8.49 -21.33
N PRO A 98 25.48 -8.99 -22.55
CA PRO A 98 25.65 -8.19 -23.76
C PRO A 98 24.72 -6.97 -23.81
N GLU A 99 23.64 -7.00 -23.03
CA GLU A 99 22.72 -5.88 -22.89
C GLU A 99 23.16 -4.85 -21.84
N SER A 100 24.35 -5.01 -21.25
CA SER A 100 24.79 -4.13 -20.18
C SER A 100 24.70 -2.66 -20.60
N TYR A 101 24.97 -2.37 -21.88
CA TYR A 101 24.97 -1.00 -22.38
C TYR A 101 23.58 -0.37 -22.19
N ASN A 102 22.51 -1.18 -22.34
CA ASN A 102 21.15 -0.69 -22.22
C ASN A 102 20.80 -0.34 -20.78
N PHE A 103 21.62 -0.81 -19.82
CA PHE A 103 21.37 -0.58 -18.41
C PHE A 103 22.49 0.23 -17.77
N SER A 104 23.32 0.91 -18.58
CA SER A 104 24.47 1.62 -18.07
C SER A 104 24.23 3.12 -18.10
N PRO A 105 24.10 3.80 -16.94
CA PRO A 105 24.08 5.26 -16.91
C PRO A 105 25.45 5.88 -17.16
N ASP A 106 26.51 5.06 -17.26
CA ASP A 106 27.86 5.58 -17.39
C ASP A 106 28.79 4.50 -17.94
N MET A 107 29.17 4.66 -19.21
CA MET A 107 30.05 3.70 -19.89
C MET A 107 31.50 4.09 -19.71
N LEU A 108 31.76 5.34 -19.24
CA LEU A 108 33.11 5.71 -18.87
C LEU A 108 33.56 4.85 -17.69
N ASN A 109 32.70 4.74 -16.70
CA ASN A 109 33.02 4.10 -15.43
C ASN A 109 32.43 2.70 -15.31
N ASP A 110 31.70 2.22 -16.33
CA ASP A 110 31.20 0.85 -16.38
C ASP A 110 30.27 0.56 -15.19
N VAL A 111 29.30 1.44 -14.98
CA VAL A 111 28.27 1.23 -13.97
C VAL A 111 27.06 0.64 -14.68
N VAL A 112 26.48 -0.44 -14.13
CA VAL A 112 25.39 -1.13 -14.76
C VAL A 112 24.28 -1.38 -13.75
N VAL A 113 23.04 -1.07 -14.13
CA VAL A 113 21.87 -1.40 -13.34
C VAL A 113 21.57 -2.88 -13.51
N ALA A 114 21.56 -3.60 -12.37
CA ALA A 114 21.38 -5.04 -12.34
C ALA A 114 20.03 -5.48 -11.76
N GLY A 115 19.34 -4.58 -11.05
CA GLY A 115 18.04 -4.96 -10.49
C GLY A 115 17.33 -3.76 -9.85
N PHE A 116 16.12 -4.03 -9.33
CA PHE A 116 15.38 -3.00 -8.62
C PHE A 116 14.36 -3.63 -7.67
N VAL A 117 13.87 -2.77 -6.77
CA VAL A 117 12.69 -3.08 -5.98
C VAL A 117 11.79 -1.87 -6.06
N LEU A 118 10.48 -2.13 -6.24
CA LEU A 118 9.44 -1.12 -6.22
C LEU A 118 8.57 -1.38 -5.00
N PHE A 119 8.39 -0.34 -4.18
CA PHE A 119 7.65 -0.47 -2.94
C PHE A 119 6.93 0.85 -2.65
N PHE A 120 6.01 0.80 -1.70
CA PHE A 120 5.24 1.97 -1.32
C PHE A 120 4.67 1.78 0.08
N PRO A 121 4.27 2.86 0.76
CA PRO A 121 3.75 2.76 2.12
C PRO A 121 2.38 2.08 2.15
N ASN A 122 2.22 1.25 3.17
CA ASN A 122 0.92 0.77 3.59
C ASN A 122 0.70 1.19 5.04
N TYR A 123 -0.36 0.73 5.71
CA TYR A 123 -0.66 1.23 7.03
C TYR A 123 -1.29 0.15 7.89
N SER A 124 -0.81 0.06 9.14
CA SER A 124 -1.45 -0.72 10.18
C SER A 124 -2.28 0.18 11.09
N SER A 125 -3.61 0.11 10.97
CA SER A 125 -4.50 0.88 11.82
C SER A 125 -4.32 0.50 13.29
N PHE A 126 -4.09 -0.80 13.55
CA PHE A 126 -3.92 -1.29 14.91
C PHE A 126 -2.63 -0.75 15.58
N LEU A 127 -1.59 -0.48 14.79
CA LEU A 127 -0.34 0.06 15.32
C LEU A 127 -0.28 1.59 15.24
N SER A 128 -1.17 2.20 14.43
CA SER A 128 -1.01 3.56 13.92
C SER A 128 0.41 3.79 13.39
N LYS A 129 0.87 2.86 12.56
CA LYS A 129 2.21 2.95 11.99
C LYS A 129 2.16 2.64 10.50
N PRO A 130 2.86 3.42 9.66
CA PRO A 130 3.05 3.01 8.28
C PRO A 130 3.92 1.77 8.21
N GLY A 131 3.79 1.07 7.10
CA GLY A 131 4.69 0.00 6.72
C GLY A 131 5.07 0.16 5.26
N PHE A 132 5.80 -0.82 4.72
CA PHE A 132 6.08 -0.85 3.29
C PHE A 132 5.49 -2.12 2.71
N TYR A 133 4.92 -1.96 1.50
CA TYR A 133 4.54 -3.09 0.68
C TYR A 133 5.49 -3.15 -0.50
N ILE A 134 6.11 -4.32 -0.69
CA ILE A 134 6.96 -4.59 -1.84
C ILE A 134 6.14 -5.15 -3.00
N GLU A 135 6.08 -4.39 -4.09
CA GLU A 135 5.37 -4.78 -5.28
C GLU A 135 6.22 -5.73 -6.11
N ASP A 136 7.51 -5.46 -6.28
CA ASP A 136 8.31 -6.29 -7.16
C ASP A 136 9.79 -6.16 -6.77
N ILE A 137 10.51 -7.27 -6.90
CA ILE A 137 11.95 -7.32 -6.85
C ILE A 137 12.38 -8.10 -8.09
N PHE A 138 13.32 -7.51 -8.86
CA PHE A 138 13.78 -8.14 -10.08
C PHE A 138 15.27 -7.94 -10.20
N VAL A 139 15.98 -9.04 -10.45
CA VAL A 139 17.39 -9.04 -10.75
C VAL A 139 17.57 -9.62 -12.14
N ARG A 140 18.32 -8.91 -12.99
CA ARG A 140 18.55 -9.39 -14.34
C ARG A 140 19.31 -10.71 -14.30
N GLU A 141 18.99 -11.58 -15.26
CA GLU A 141 19.44 -12.97 -15.24
C GLU A 141 20.95 -13.11 -15.05
N PRO A 142 21.81 -12.32 -15.70
CA PRO A 142 23.26 -12.50 -15.52
C PRO A 142 23.77 -12.26 -14.09
N TYR A 143 22.98 -11.60 -13.24
CA TYR A 143 23.46 -11.20 -11.91
C TYR A 143 22.77 -11.98 -10.78
N ARG A 144 22.00 -13.00 -11.13
CA ARG A 144 21.26 -13.78 -10.14
C ARG A 144 22.22 -14.72 -9.40
N ARG A 145 21.77 -15.17 -8.20
CA ARG A 145 22.51 -16.11 -7.35
C ARG A 145 23.81 -15.54 -6.83
N LYS A 146 23.83 -14.23 -6.55
CA LYS A 146 25.00 -13.54 -6.04
C LYS A 146 24.65 -12.74 -4.78
N GLY A 147 23.40 -12.82 -4.31
CA GLY A 147 22.97 -12.14 -3.09
C GLY A 147 22.20 -10.84 -3.34
N PHE A 148 22.06 -10.44 -4.62
CA PHE A 148 21.58 -9.08 -4.91
C PHE A 148 20.10 -8.93 -4.59
N GLY A 149 19.30 -9.94 -4.94
CA GLY A 149 17.88 -9.92 -4.63
C GLY A 149 17.63 -9.82 -3.13
N SER A 150 18.37 -10.61 -2.34
CA SER A 150 18.32 -10.54 -0.89
C SER A 150 18.74 -9.17 -0.38
N MET A 151 19.76 -8.57 -1.02
CA MET A 151 20.20 -7.22 -0.68
C MET A 151 19.05 -6.21 -0.88
N LEU A 152 18.27 -6.37 -1.97
CA LEU A 152 17.20 -5.42 -2.27
C LEU A 152 16.10 -5.54 -1.21
N LEU A 153 15.76 -6.76 -0.83
CA LEU A 153 14.78 -6.97 0.23
C LEU A 153 15.31 -6.39 1.54
N THR A 154 16.59 -6.66 1.85
CA THR A 154 17.21 -6.12 3.05
C THR A 154 17.13 -4.59 3.10
N ALA A 155 17.34 -3.93 1.96
CA ALA A 155 17.37 -2.48 1.92
C ALA A 155 16.01 -1.92 2.35
N VAL A 156 14.94 -2.56 1.89
CA VAL A 156 13.59 -2.13 2.22
C VAL A 156 13.34 -2.35 3.72
N ALA A 157 13.70 -3.53 4.22
CA ALA A 157 13.58 -3.82 5.64
C ALA A 157 14.37 -2.84 6.50
N LYS A 158 15.64 -2.58 6.16
CA LYS A 158 16.46 -1.65 6.91
C LYS A 158 15.83 -0.25 6.92
N GLN A 159 15.31 0.17 5.77
CA GLN A 159 14.71 1.48 5.64
C GLN A 159 13.49 1.58 6.55
N ALA A 160 12.69 0.50 6.61
CA ALA A 160 11.53 0.48 7.49
C ALA A 160 11.97 0.69 8.95
N VAL A 161 12.99 -0.05 9.37
CA VAL A 161 13.46 0.04 10.74
C VAL A 161 13.98 1.45 11.01
N LYS A 162 14.77 1.99 10.08
CA LYS A 162 15.31 3.34 10.22
C LYS A 162 14.16 4.34 10.46
N MET A 163 13.02 4.17 9.80
CA MET A 163 11.96 5.16 9.83
C MET A 163 10.90 4.85 10.90
N GLY A 164 11.09 3.77 11.68
CA GLY A 164 10.14 3.38 12.71
C GLY A 164 8.83 2.82 12.13
N TYR A 165 8.87 2.26 10.92
CA TYR A 165 7.71 1.63 10.31
C TYR A 165 7.50 0.24 10.90
N GLY A 166 6.25 -0.26 10.81
CA GLY A 166 5.81 -1.37 11.63
C GLY A 166 5.99 -2.75 10.95
N ARG A 167 5.82 -2.79 9.63
CA ARG A 167 5.72 -4.04 8.89
C ARG A 167 6.30 -3.85 7.48
N VAL A 168 6.85 -4.93 6.90
CA VAL A 168 7.09 -5.00 5.47
C VAL A 168 6.29 -6.19 4.95
N GLU A 169 5.50 -5.98 3.89
CA GLU A 169 4.62 -7.01 3.38
C GLU A 169 4.75 -7.14 1.87
N TRP A 170 4.31 -8.30 1.39
CA TRP A 170 4.24 -8.62 -0.02
C TRP A 170 3.37 -9.86 -0.18
N VAL A 171 3.15 -10.28 -1.43
CA VAL A 171 2.46 -11.54 -1.65
C VAL A 171 3.38 -12.58 -2.31
N VAL A 172 2.95 -13.84 -2.18
CA VAL A 172 3.57 -15.01 -2.78
C VAL A 172 2.49 -15.91 -3.39
N LEU A 173 2.83 -16.51 -4.53
CA LEU A 173 2.02 -17.53 -5.18
C LEU A 173 1.97 -18.75 -4.29
N ASP A 174 0.76 -19.27 -4.06
CA ASP A 174 0.53 -20.30 -3.06
C ASP A 174 1.25 -21.62 -3.40
N TRP A 175 1.63 -21.81 -4.67
CA TRP A 175 2.31 -23.03 -5.08
C TRP A 175 3.83 -22.87 -5.05
N ASN A 176 4.34 -21.64 -4.90
CA ASN A 176 5.76 -21.38 -5.03
C ASN A 176 6.47 -21.74 -3.73
N VAL A 177 6.73 -23.04 -3.53
CA VAL A 177 7.16 -23.55 -2.25
C VAL A 177 8.57 -23.02 -1.95
N ASN A 178 9.41 -22.90 -2.97
CA ASN A 178 10.77 -22.38 -2.79
C ASN A 178 10.72 -20.97 -2.21
N ALA A 179 9.81 -20.12 -2.72
CA ALA A 179 9.73 -18.75 -2.26
C ALA A 179 9.20 -18.73 -0.84
N ILE A 180 8.16 -19.53 -0.58
CA ILE A 180 7.52 -19.59 0.73
C ILE A 180 8.56 -19.95 1.78
N LYS A 181 9.38 -20.97 1.47
CA LYS A 181 10.36 -21.46 2.43
C LYS A 181 11.42 -20.39 2.70
N PHE A 182 11.85 -19.68 1.63
CA PHE A 182 12.79 -18.59 1.76
C PHE A 182 12.23 -17.51 2.67
N TYR A 183 10.97 -17.11 2.48
CA TYR A 183 10.40 -16.04 3.29
C TYR A 183 10.28 -16.49 4.74
N GLU A 184 9.87 -17.74 4.96
CA GLU A 184 9.75 -18.28 6.31
C GLU A 184 11.10 -18.34 6.99
N GLN A 185 12.16 -18.60 6.22
CA GLN A 185 13.48 -18.77 6.80
C GLN A 185 13.99 -17.43 7.34
N MET A 186 13.62 -16.34 6.67
CA MET A 186 14.05 -15.04 7.14
C MET A 186 13.12 -14.47 8.20
N GLY A 187 12.11 -15.24 8.62
CA GLY A 187 11.27 -14.86 9.74
C GLY A 187 9.99 -14.15 9.29
N ALA A 188 9.68 -14.12 7.99
CA ALA A 188 8.37 -13.65 7.56
C ALA A 188 7.29 -14.66 7.95
N GLN A 189 6.10 -14.14 8.24
CA GLN A 189 4.94 -14.97 8.43
C GLN A 189 4.09 -14.96 7.17
N ILE A 190 3.47 -16.11 6.89
CA ILE A 190 2.56 -16.19 5.75
C ILE A 190 1.16 -16.19 6.34
N LEU A 191 0.39 -15.13 6.12
CA LEU A 191 -0.89 -14.97 6.79
C LEU A 191 -1.97 -15.56 5.90
N GLN A 192 -2.08 -16.89 5.95
CA GLN A 192 -2.50 -17.67 4.82
C GLN A 192 -4.02 -17.66 4.62
N GLU A 193 -4.79 -17.12 5.54
CA GLU A 193 -6.23 -17.06 5.35
C GLU A 193 -6.74 -15.89 4.50
N TRP A 194 -5.90 -14.86 4.29
CA TRP A 194 -6.38 -13.69 3.56
C TRP A 194 -6.36 -13.95 2.06
N ARG A 195 -7.34 -13.38 1.36
CA ARG A 195 -7.39 -13.41 -0.09
C ARG A 195 -7.54 -11.99 -0.63
N VAL A 196 -6.79 -11.69 -1.69
CA VAL A 196 -6.82 -10.40 -2.34
C VAL A 196 -8.07 -10.29 -3.20
N CYS A 197 -8.76 -9.13 -3.05
CA CYS A 197 -9.97 -8.82 -3.78
C CYS A 197 -9.69 -7.62 -4.68
N ARG A 198 -10.24 -7.62 -5.91
CA ARG A 198 -9.88 -6.59 -6.87
C ARG A 198 -11.09 -6.15 -7.68
N LEU A 199 -11.30 -4.84 -7.69
CA LEU A 199 -12.39 -4.22 -8.47
C LEU A 199 -11.70 -3.40 -9.58
N THR A 200 -11.87 -3.83 -10.83
CA THR A 200 -11.24 -3.15 -11.96
C THR A 200 -12.17 -3.17 -13.16
N GLY A 201 -11.78 -2.47 -14.21
CA GLY A 201 -12.55 -2.49 -15.47
C GLY A 201 -13.97 -1.98 -15.36
N ASP A 202 -14.87 -2.61 -16.12
CA ASP A 202 -16.29 -2.17 -16.16
C ASP A 202 -16.90 -2.19 -14.76
N ALA A 203 -16.57 -3.18 -13.95
CA ALA A 203 -17.07 -3.26 -12.57
C ALA A 203 -16.72 -1.97 -11.82
N LEU A 204 -15.48 -1.53 -11.93
CA LEU A 204 -15.04 -0.29 -11.24
C LEU A 204 -15.75 0.90 -11.88
N GLU A 205 -15.74 0.98 -13.20
CA GLU A 205 -16.38 2.13 -13.92
C GLU A 205 -17.86 2.25 -13.58
N ALA A 206 -18.51 1.14 -13.25
CA ALA A 206 -19.94 1.16 -12.89
C ALA A 206 -20.19 2.06 -11.66
N PHE A 207 -19.17 2.28 -10.83
CA PHE A 207 -19.39 3.07 -9.59
C PHE A 207 -19.53 4.55 -9.94
N ASP A 208 -19.12 4.96 -11.14
CA ASP A 208 -19.25 6.36 -11.64
C ASP A 208 -18.28 7.28 -10.91
N GLY B 4 -39.02 11.45 10.65
CA GLY B 4 -37.80 12.26 10.81
C GLY B 4 -36.54 11.48 10.39
N SER B 5 -36.10 11.71 9.15
CA SER B 5 -34.99 10.99 8.57
C SER B 5 -33.66 11.46 9.15
N MET B 6 -32.71 10.55 9.14
CA MET B 6 -31.34 10.87 9.45
C MET B 6 -30.61 11.27 8.16
N PHE B 7 -29.87 12.38 8.21
CA PHE B 7 -29.04 12.80 7.09
C PHE B 7 -27.62 12.28 7.30
N SER B 8 -26.89 12.08 6.21
CA SER B 8 -25.55 11.55 6.29
C SER B 8 -24.67 12.27 5.27
N ARG B 9 -23.37 12.27 5.57
CA ARG B 9 -22.41 12.75 4.59
C ARG B 9 -21.10 12.02 4.80
N ILE B 10 -20.28 12.06 3.77
CA ILE B 10 -18.95 11.52 3.83
C ILE B 10 -17.99 12.69 3.60
N ARG B 11 -16.94 12.82 4.41
CA ARG B 11 -16.02 13.93 4.24
C ARG B 11 -14.61 13.45 4.52
N LEU B 12 -13.64 14.20 4.01
CA LEU B 12 -12.24 13.97 4.34
C LEU B 12 -11.98 14.25 5.81
N ALA B 13 -11.24 13.34 6.47
CA ALA B 13 -10.77 13.59 7.82
C ALA B 13 -9.65 14.64 7.77
N THR B 14 -9.63 15.50 8.79
CA THR B 14 -8.58 16.50 8.99
C THR B 14 -7.91 16.16 10.34
N PRO B 15 -6.82 16.85 10.72
CA PRO B 15 -6.16 16.53 11.99
C PRO B 15 -7.06 16.60 13.24
N SER B 16 -8.05 17.50 13.24
CA SER B 16 -8.94 17.63 14.38
C SER B 16 -9.76 16.34 14.60
N ASP B 17 -9.83 15.47 13.59
CA ASP B 17 -10.57 14.21 13.67
C ASP B 17 -9.78 13.07 14.31
N VAL B 18 -8.52 13.32 14.66
CA VAL B 18 -7.65 12.28 15.23
C VAL B 18 -8.32 11.52 16.37
N PRO B 19 -8.93 12.17 17.39
CA PRO B 19 -9.60 11.45 18.47
C PRO B 19 -10.70 10.47 18.01
N PHE B 20 -11.49 10.90 17.03
CA PHE B 20 -12.57 10.09 16.49
C PHE B 20 -11.99 8.90 15.72
N ILE B 21 -10.90 9.10 14.95
CA ILE B 21 -10.31 8.00 14.20
C ILE B 21 -9.76 6.97 15.21
N HIS B 22 -9.10 7.46 16.25
CA HIS B 22 -8.57 6.60 17.31
C HIS B 22 -9.69 5.76 17.92
N LYS B 23 -10.80 6.41 18.26
CA LYS B 23 -11.91 5.71 18.90
C LYS B 23 -12.59 4.72 17.96
N LEU B 24 -12.63 5.03 16.66
CA LEU B 24 -13.22 4.13 15.68
C LEU B 24 -12.37 2.89 15.52
N ILE B 25 -11.05 3.07 15.47
CA ILE B 25 -10.19 1.91 15.29
C ILE B 25 -10.30 1.03 16.55
N HIS B 26 -10.40 1.68 17.72
CA HIS B 26 -10.54 0.97 18.98
C HIS B 26 -11.82 0.13 18.96
N GLN B 27 -12.94 0.72 18.53
CA GLN B 27 -14.20 0.01 18.47
C GLN B 27 -14.12 -1.16 17.49
N MET B 28 -13.42 -0.94 16.36
CA MET B 28 -13.23 -2.00 15.39
C MET B 28 -12.48 -3.17 16.04
N ALA B 29 -11.41 -2.87 16.78
CA ALA B 29 -10.66 -3.90 17.48
C ALA B 29 -11.53 -4.67 18.48
N VAL B 30 -12.42 -3.94 19.17
CA VAL B 30 -13.34 -4.54 20.12
C VAL B 30 -14.28 -5.49 19.38
N PHE B 31 -14.89 -5.01 18.31
CA PHE B 31 -15.83 -5.80 17.53
C PHE B 31 -15.15 -7.07 17.01
N GLU B 32 -13.90 -6.97 16.55
CA GLU B 32 -13.19 -8.08 15.95
C GLU B 32 -12.53 -8.97 17.02
N ARG B 33 -12.66 -8.61 18.30
CA ARG B 33 -12.06 -9.36 19.41
C ARG B 33 -10.55 -9.39 19.29
N LEU B 34 -9.96 -8.26 18.87
CA LEU B 34 -8.53 -8.16 18.69
C LEU B 34 -8.01 -7.00 19.52
N THR B 35 -8.62 -6.74 20.68
CA THR B 35 -8.20 -5.58 21.47
C THR B 35 -6.75 -5.75 21.93
N HIS B 36 -6.30 -7.00 22.13
CA HIS B 36 -4.94 -7.26 22.59
C HIS B 36 -3.90 -6.81 21.56
N LEU B 37 -4.27 -6.61 20.29
CA LEU B 37 -3.32 -6.16 19.27
C LEU B 37 -3.40 -4.65 19.00
N PHE B 38 -4.28 -3.94 19.70
CA PHE B 38 -4.47 -2.52 19.44
C PHE B 38 -3.49 -1.70 20.29
N SER B 39 -2.51 -1.04 19.65
CA SER B 39 -1.60 -0.16 20.37
C SER B 39 -1.54 1.23 19.69
N ALA B 40 -2.52 1.53 18.83
CA ALA B 40 -2.63 2.83 18.17
C ALA B 40 -2.69 3.97 19.19
N THR B 41 -2.05 5.09 18.86
CA THR B 41 -2.09 6.28 19.69
C THR B 41 -2.58 7.44 18.83
N GLU B 42 -3.17 8.43 19.49
CA GLU B 42 -3.54 9.69 18.85
C GLU B 42 -2.30 10.35 18.24
N SER B 43 -1.17 10.35 18.95
CA SER B 43 0.01 11.05 18.45
C SER B 43 0.58 10.32 17.23
N GLY B 44 0.51 8.99 17.23
CA GLY B 44 0.90 8.17 16.09
C GLY B 44 0.02 8.48 14.88
N LEU B 45 -1.30 8.54 15.08
CA LEU B 45 -2.23 8.86 14.01
C LEU B 45 -1.92 10.25 13.44
N ALA B 46 -1.77 11.22 14.34
CA ALA B 46 -1.52 12.61 13.96
C ALA B 46 -0.24 12.76 13.14
N SER B 47 0.81 12.03 13.52
CA SER B 47 2.10 12.20 12.89
C SER B 47 2.27 11.33 11.65
N THR B 48 1.34 10.43 11.35
CA THR B 48 1.51 9.52 10.23
C THR B 48 0.46 9.75 9.16
N LEU B 49 -0.75 10.17 9.54
CA LEU B 49 -1.84 10.20 8.59
C LEU B 49 -1.87 11.48 7.74
N PHE B 50 -1.14 12.53 8.12
CA PHE B 50 -1.39 13.84 7.53
C PHE B 50 -0.11 14.46 6.99
N THR B 51 0.81 13.63 6.49
CA THR B 51 2.09 14.10 5.99
C THR B 51 1.99 14.44 4.50
N SER B 52 0.95 13.94 3.82
CA SER B 52 0.73 14.21 2.40
C SER B 52 -0.64 14.85 2.21
N ARG B 53 -0.87 15.39 1.02
CA ARG B 53 -2.20 15.83 0.63
C ARG B 53 -3.14 14.62 0.52
N PRO B 54 -4.46 14.84 0.69
CA PRO B 54 -5.42 13.76 0.49
C PRO B 54 -5.15 13.04 -0.83
N PHE B 55 -5.29 11.71 -0.81
CA PHE B 55 -5.25 10.86 -2.01
C PHE B 55 -3.82 10.62 -2.48
N GLN B 56 -2.82 11.35 -1.96
CA GLN B 56 -1.43 11.09 -2.31
C GLN B 56 -0.84 9.97 -1.47
N SER B 57 -1.37 9.81 -0.26
CA SER B 57 -0.97 8.75 0.65
C SER B 57 -2.19 8.37 1.50
N PHE B 58 -1.98 8.07 2.77
CA PHE B 58 -3.04 7.62 3.66
C PHE B 58 -4.13 8.69 3.70
N THR B 59 -5.37 8.22 3.49
CA THR B 59 -6.55 9.07 3.36
C THR B 59 -7.68 8.40 4.14
N VAL B 60 -8.40 9.21 4.91
CA VAL B 60 -9.57 8.77 5.64
C VAL B 60 -10.78 9.57 5.20
N PHE B 61 -11.85 8.84 4.90
CA PHE B 61 -13.16 9.43 4.79
C PHE B 61 -13.92 9.09 6.05
N LEU B 62 -14.58 10.11 6.62
CA LEU B 62 -15.47 9.90 7.74
C LEU B 62 -16.93 9.95 7.30
N LEU B 63 -17.72 9.07 7.88
CA LEU B 63 -19.18 9.10 7.77
C LEU B 63 -19.75 9.80 8.99
N GLU B 64 -20.60 10.81 8.75
CA GLU B 64 -21.20 11.59 9.79
C GLU B 64 -22.69 11.60 9.56
N VAL B 65 -23.44 11.67 10.65
CA VAL B 65 -24.90 11.66 10.59
C VAL B 65 -25.43 12.80 11.42
N SER B 66 -26.65 13.23 11.08
CA SER B 66 -27.27 14.32 11.78
C SER B 66 -28.78 14.20 11.58
N ARG B 67 -29.55 14.63 12.58
CA ARG B 67 -31.02 14.63 12.41
C ARG B 67 -31.38 15.90 11.62
N SER B 68 -30.42 16.79 11.42
CA SER B 68 -30.65 18.01 10.60
C SER B 68 -29.76 17.97 9.35
N PRO B 69 -30.16 18.62 8.24
CA PRO B 69 -29.39 18.51 7.01
C PRO B 69 -27.99 19.10 7.03
N PHE B 70 -27.13 18.58 6.16
CA PHE B 70 -25.75 19.07 6.06
C PHE B 70 -25.67 20.11 4.96
N PRO B 71 -25.09 21.30 5.22
CA PRO B 71 -24.90 22.27 4.17
C PRO B 71 -23.92 21.75 3.14
N ALA B 72 -24.09 22.19 1.90
CA ALA B 72 -23.12 21.80 0.84
C ALA B 72 -21.79 22.50 1.15
N THR B 73 -20.67 21.78 0.97
CA THR B 73 -19.35 22.36 1.22
C THR B 73 -18.66 22.65 -0.10
N PHE B 82 -17.90 14.32 -0.30
CA PHE B 82 -17.60 13.07 -1.05
C PHE B 82 -18.75 12.07 -0.88
N THR B 83 -19.96 12.56 -0.57
CA THR B 83 -21.10 11.69 -0.39
C THR B 83 -21.68 11.31 -1.77
N PRO B 84 -21.69 10.01 -2.14
CA PRO B 84 -22.04 9.56 -3.49
C PRO B 84 -23.40 10.01 -4.05
N PHE B 85 -24.16 9.05 -4.59
CA PHE B 85 -25.59 9.20 -4.79
C PHE B 85 -26.24 8.65 -3.52
N PHE B 86 -27.03 9.50 -2.83
CA PHE B 86 -27.45 9.20 -1.46
C PHE B 86 -28.53 8.11 -1.51
N LYS B 87 -28.07 6.87 -1.35
CA LYS B 87 -28.88 5.67 -1.41
C LYS B 87 -28.68 4.90 -0.10
N THR B 88 -29.38 5.42 0.90
CA THR B 88 -29.34 4.89 2.25
C THR B 88 -30.77 4.55 2.61
N HIS B 89 -30.98 3.82 3.69
CA HIS B 89 -32.31 3.35 4.05
C HIS B 89 -32.33 3.13 5.57
N ASN B 90 -33.50 2.76 6.09
CA ASN B 90 -33.70 2.57 7.53
C ASN B 90 -33.35 3.84 8.29
N LEU B 91 -33.57 5.00 7.65
CA LEU B 91 -33.11 6.27 8.20
C LEU B 91 -34.07 6.79 9.26
N ASP B 92 -35.29 6.23 9.32
CA ASP B 92 -36.31 6.68 10.23
C ASP B 92 -36.20 5.99 11.59
N LEU B 93 -35.34 4.98 11.70
CA LEU B 93 -35.31 4.16 12.91
C LEU B 93 -34.65 4.94 14.04
N PRO B 94 -35.20 4.90 15.27
CA PRO B 94 -34.53 5.44 16.46
C PRO B 94 -33.10 4.93 16.57
N ILE B 95 -32.20 5.80 17.02
CA ILE B 95 -30.82 5.45 17.24
C ILE B 95 -30.60 5.26 18.74
N ASP B 96 -30.13 4.08 19.14
CA ASP B 96 -29.59 3.91 20.48
C ASP B 96 -28.07 4.03 20.37
N ASP B 97 -27.54 5.21 20.69
CA ASP B 97 -26.11 5.47 20.60
C ASP B 97 -25.65 6.17 21.87
N PRO B 98 -25.40 5.43 22.97
CA PRO B 98 -25.04 6.06 24.23
C PRO B 98 -23.66 6.73 24.20
N GLU B 99 -22.81 6.30 23.26
CA GLU B 99 -21.48 6.88 23.08
C GLU B 99 -21.48 8.05 22.12
N SER B 100 -22.65 8.55 21.69
CA SER B 100 -22.69 9.59 20.67
C SER B 100 -21.86 10.81 21.11
N TYR B 101 -21.85 11.08 22.43
CA TYR B 101 -21.10 12.21 22.97
C TYR B 101 -19.61 12.07 22.66
N ASN B 102 -19.09 10.85 22.67
CA ASN B 102 -17.68 10.59 22.38
C ASN B 102 -17.33 10.79 20.91
N PHE B 103 -18.33 10.88 20.03
CA PHE B 103 -18.13 10.93 18.59
C PHE B 103 -18.73 12.19 17.98
N SER B 104 -18.88 13.25 18.79
CA SER B 104 -19.46 14.50 18.32
C SER B 104 -18.38 15.56 18.13
N PRO B 105 -18.05 15.98 16.88
CA PRO B 105 -17.03 16.98 16.63
C PRO B 105 -17.38 18.40 17.06
N ASP B 106 -18.61 18.61 17.51
CA ASP B 106 -19.07 19.93 17.89
C ASP B 106 -20.35 19.82 18.71
N MET B 107 -20.25 20.12 20.01
CA MET B 107 -21.38 20.05 20.93
C MET B 107 -22.39 21.16 20.68
N LEU B 108 -22.05 22.12 19.82
CA LEU B 108 -23.03 23.10 19.38
C LEU B 108 -24.07 22.41 18.49
N ASN B 109 -23.65 21.45 17.66
CA ASN B 109 -24.54 20.77 16.73
C ASN B 109 -24.79 19.33 17.18
N ASP B 110 -25.61 18.61 16.39
CA ASP B 110 -25.95 17.22 16.66
C ASP B 110 -25.26 16.28 15.67
N VAL B 111 -24.06 16.64 15.20
CA VAL B 111 -23.34 15.82 14.24
C VAL B 111 -22.59 14.70 14.98
N VAL B 112 -22.72 13.47 14.46
CA VAL B 112 -22.06 12.33 15.06
C VAL B 112 -21.25 11.58 14.00
N VAL B 113 -20.00 11.24 14.36
CA VAL B 113 -19.19 10.39 13.52
C VAL B 113 -19.64 8.95 13.69
N ALA B 114 -20.00 8.29 12.60
CA ALA B 114 -20.62 6.96 12.61
C ALA B 114 -19.73 5.90 11.98
N GLY B 115 -18.71 6.29 11.21
CA GLY B 115 -17.84 5.30 10.60
C GLY B 115 -16.72 5.95 9.80
N PHE B 116 -15.87 5.12 9.22
CA PHE B 116 -14.74 5.58 8.42
C PHE B 116 -14.29 4.53 7.41
N VAL B 117 -13.50 5.01 6.45
CA VAL B 117 -12.73 4.17 5.56
C VAL B 117 -11.32 4.76 5.50
N LEU B 118 -10.32 3.89 5.58
CA LEU B 118 -8.92 4.27 5.47
C LEU B 118 -8.35 3.56 4.24
N PHE B 119 -7.71 4.34 3.36
CA PHE B 119 -7.20 3.81 2.11
C PHE B 119 -5.95 4.59 1.71
N PHE B 120 -5.26 4.05 0.69
CA PHE B 120 -4.03 4.67 0.23
C PHE B 120 -3.72 4.14 -1.17
N PRO B 121 -2.89 4.89 -1.95
CA PRO B 121 -2.51 4.45 -3.29
C PRO B 121 -1.68 3.17 -3.25
N ASN B 122 -1.91 2.35 -4.27
CA ASN B 122 -1.01 1.24 -4.57
C ASN B 122 -0.65 1.35 -6.04
N TYR B 123 0.28 0.49 -6.45
CA TYR B 123 0.89 0.64 -7.77
C TYR B 123 1.27 -0.73 -8.30
N SER B 124 0.99 -0.93 -9.59
CA SER B 124 1.53 -2.07 -10.33
C SER B 124 2.78 -1.65 -11.12
N SER B 125 3.81 -2.52 -11.17
CA SER B 125 4.94 -2.30 -12.05
C SER B 125 4.46 -2.24 -13.52
N PHE B 126 3.44 -3.05 -13.87
CA PHE B 126 3.15 -3.33 -15.27
C PHE B 126 2.14 -2.36 -15.88
N LEU B 127 1.24 -1.85 -15.05
CA LEU B 127 0.06 -1.12 -15.51
C LEU B 127 0.32 0.39 -15.39
N SER B 128 -0.25 1.19 -16.30
CA SER B 128 0.02 2.62 -16.34
C SER B 128 -0.52 3.32 -15.09
N LYS B 129 -1.72 2.95 -14.63
CA LYS B 129 -2.43 3.72 -13.62
C LYS B 129 -2.20 3.16 -12.21
N PRO B 130 -2.08 4.03 -11.17
CA PRO B 130 -2.13 3.61 -9.77
C PRO B 130 -3.51 3.05 -9.42
N GLY B 131 -3.61 2.45 -8.23
CA GLY B 131 -4.88 2.07 -7.65
C GLY B 131 -5.02 2.57 -6.22
N PHE B 132 -6.12 2.19 -5.59
CA PHE B 132 -6.28 2.35 -4.14
C PHE B 132 -6.39 0.98 -3.48
N TYR B 133 -5.77 0.87 -2.31
CA TYR B 133 -5.97 -0.24 -1.40
C TYR B 133 -6.75 0.26 -0.17
N ILE B 134 -7.84 -0.48 0.16
CA ILE B 134 -8.64 -0.18 1.32
C ILE B 134 -8.19 -1.02 2.52
N GLU B 135 -7.71 -0.33 3.55
CA GLU B 135 -7.24 -0.97 4.77
C GLU B 135 -8.41 -1.30 5.70
N ASP B 136 -9.41 -0.42 5.78
CA ASP B 136 -10.47 -0.64 6.74
C ASP B 136 -11.73 0.10 6.30
N ILE B 137 -12.88 -0.54 6.53
CA ILE B 137 -14.17 0.13 6.54
C ILE B 137 -14.85 -0.32 7.82
N PHE B 138 -15.31 0.65 8.63
CA PHE B 138 -15.99 0.34 9.87
C PHE B 138 -17.15 1.31 10.06
N VAL B 139 -18.32 0.76 10.36
CA VAL B 139 -19.48 1.53 10.76
C VAL B 139 -19.86 1.09 12.16
N ARG B 140 -20.06 2.07 13.05
CA ARG B 140 -20.43 1.78 14.43
C ARG B 140 -21.78 1.10 14.44
N GLU B 141 -21.91 0.16 15.38
CA GLU B 141 -23.03 -0.77 15.44
C GLU B 141 -24.37 -0.05 15.34
N PRO B 142 -24.62 1.08 16.04
CA PRO B 142 -25.94 1.69 15.97
C PRO B 142 -26.37 2.18 14.58
N TYR B 143 -25.41 2.32 13.65
CA TYR B 143 -25.67 2.94 12.37
C TYR B 143 -25.58 1.95 11.20
N ARG B 144 -25.49 0.65 11.50
CA ARG B 144 -25.38 -0.38 10.48
C ARG B 144 -26.71 -0.64 9.78
N ARG B 145 -26.64 -1.26 8.59
CA ARG B 145 -27.78 -1.69 7.80
C ARG B 145 -28.60 -0.51 7.30
N LYS B 146 -27.94 0.60 7.00
CA LYS B 146 -28.57 1.77 6.43
C LYS B 146 -27.93 2.11 5.09
N GLY B 147 -26.92 1.34 4.68
CA GLY B 147 -26.22 1.59 3.42
C GLY B 147 -24.92 2.39 3.58
N PHE B 148 -24.56 2.76 4.81
CA PHE B 148 -23.42 3.63 5.05
C PHE B 148 -22.10 2.94 4.68
N GLY B 149 -21.93 1.68 5.08
CA GLY B 149 -20.72 0.94 4.73
C GLY B 149 -20.52 0.81 3.22
N SER B 150 -21.60 0.51 2.50
CA SER B 150 -21.57 0.46 1.04
C SER B 150 -21.24 1.82 0.44
N MET B 151 -21.78 2.88 1.04
CA MET B 151 -21.50 4.25 0.64
C MET B 151 -20.01 4.57 0.80
N LEU B 152 -19.39 4.09 1.88
CA LEU B 152 -17.97 4.34 2.12
C LEU B 152 -17.13 3.68 1.04
N LEU B 153 -17.45 2.42 0.73
CA LEU B 153 -16.75 1.71 -0.32
C LEU B 153 -16.98 2.43 -1.66
N THR B 154 -18.23 2.82 -1.92
CA THR B 154 -18.57 3.54 -3.14
C THR B 154 -17.75 4.82 -3.30
N ALA B 155 -17.56 5.55 -2.20
CA ALA B 155 -16.81 6.80 -2.25
C ALA B 155 -15.37 6.58 -2.72
N VAL B 156 -14.75 5.50 -2.27
CA VAL B 156 -13.35 5.21 -2.68
C VAL B 156 -13.33 4.83 -4.17
N ALA B 157 -14.26 3.99 -4.58
CA ALA B 157 -14.35 3.54 -5.99
C ALA B 157 -14.56 4.73 -6.93
N LYS B 158 -15.45 5.64 -6.55
CA LYS B 158 -15.75 6.82 -7.40
C LYS B 158 -14.53 7.74 -7.45
N GLN B 159 -13.84 7.88 -6.32
CA GLN B 159 -12.62 8.70 -6.28
C GLN B 159 -11.59 8.10 -7.25
N ALA B 160 -11.45 6.78 -7.26
CA ALA B 160 -10.51 6.13 -8.20
C ALA B 160 -10.89 6.47 -9.64
N VAL B 161 -12.16 6.29 -9.97
CA VAL B 161 -12.63 6.57 -11.35
C VAL B 161 -12.35 8.05 -11.66
N LYS B 162 -12.64 8.92 -10.72
CA LYS B 162 -12.44 10.37 -10.92
C LYS B 162 -10.96 10.67 -11.19
N MET B 163 -10.05 9.97 -10.53
CA MET B 163 -8.61 10.31 -10.66
C MET B 163 -7.95 9.49 -11.76
N GLY B 164 -8.72 8.67 -12.44
CA GLY B 164 -8.19 7.82 -13.51
C GLY B 164 -7.36 6.69 -12.96
N TYR B 165 -7.70 6.22 -11.77
CA TYR B 165 -6.98 5.06 -11.17
C TYR B 165 -7.61 3.79 -11.76
N GLY B 166 -6.85 2.70 -11.84
CA GLY B 166 -7.36 1.51 -12.55
C GLY B 166 -7.96 0.44 -11.68
N ARG B 167 -7.76 0.51 -10.37
CA ARG B 167 -8.26 -0.58 -9.52
C ARG B 167 -8.42 -0.18 -8.06
N VAL B 168 -9.29 -0.90 -7.37
CA VAL B 168 -9.48 -0.75 -5.91
C VAL B 168 -9.31 -2.18 -5.35
N GLU B 169 -8.47 -2.35 -4.35
CA GLU B 169 -8.18 -3.67 -3.81
C GLU B 169 -8.29 -3.65 -2.29
N TRP B 170 -8.48 -4.84 -1.74
CA TRP B 170 -8.54 -5.09 -0.31
C TRP B 170 -8.39 -6.59 -0.09
N VAL B 171 -8.43 -7.05 1.16
CA VAL B 171 -8.40 -8.48 1.42
C VAL B 171 -9.67 -8.93 2.15
N VAL B 172 -9.91 -10.24 2.07
CA VAL B 172 -11.03 -10.91 2.73
C VAL B 172 -10.53 -12.23 3.31
N LEU B 173 -11.10 -12.64 4.45
CA LEU B 173 -10.79 -13.95 4.99
C LEU B 173 -11.43 -15.02 4.13
N ASP B 174 -10.69 -16.11 3.89
CA ASP B 174 -11.07 -17.14 2.94
C ASP B 174 -12.35 -17.86 3.37
N TRP B 175 -12.67 -17.81 4.67
CA TRP B 175 -13.84 -18.53 5.16
C TRP B 175 -15.07 -17.63 5.19
N ASN B 176 -14.91 -16.33 4.97
CA ASN B 176 -16.02 -15.38 5.07
C ASN B 176 -16.80 -15.34 3.77
N VAL B 177 -17.64 -16.36 3.60
CA VAL B 177 -18.35 -16.61 2.36
C VAL B 177 -19.34 -15.46 2.09
N ASN B 178 -19.95 -14.91 3.14
CA ASN B 178 -20.91 -13.83 2.98
C ASN B 178 -20.22 -12.62 2.39
N ALA B 179 -19.01 -12.30 2.87
CA ALA B 179 -18.29 -11.13 2.38
C ALA B 179 -17.86 -11.38 0.94
N ILE B 180 -17.37 -12.59 0.66
CA ILE B 180 -16.91 -12.96 -0.66
C ILE B 180 -18.04 -12.80 -1.67
N LYS B 181 -19.24 -13.27 -1.32
CA LYS B 181 -20.39 -13.17 -2.21
C LYS B 181 -20.76 -11.71 -2.46
N PHE B 182 -20.70 -10.88 -1.42
CA PHE B 182 -20.97 -9.46 -1.54
C PHE B 182 -19.99 -8.81 -2.52
N TYR B 183 -18.70 -9.12 -2.38
CA TYR B 183 -17.69 -8.53 -3.25
C TYR B 183 -17.90 -9.02 -4.69
N GLU B 184 -18.24 -10.29 -4.86
CA GLU B 184 -18.47 -10.85 -6.18
C GLU B 184 -19.71 -10.22 -6.82
N GLN B 185 -20.69 -9.85 -6.00
CA GLN B 185 -21.92 -9.29 -6.52
C GLN B 185 -21.66 -7.91 -7.13
N MET B 186 -20.70 -7.17 -6.59
CA MET B 186 -20.37 -5.88 -7.15
C MET B 186 -19.31 -5.98 -8.24
N GLY B 187 -18.93 -7.19 -8.62
CA GLY B 187 -18.04 -7.40 -9.75
C GLY B 187 -16.55 -7.45 -9.35
N ALA B 188 -16.23 -7.50 -8.05
CA ALA B 188 -14.86 -7.76 -7.63
C ALA B 188 -14.49 -9.20 -7.94
N GLN B 189 -13.21 -9.43 -8.20
CA GLN B 189 -12.69 -10.77 -8.34
C GLN B 189 -11.85 -11.09 -7.12
N ILE B 190 -11.85 -12.37 -6.72
CA ILE B 190 -10.99 -12.86 -5.67
C ILE B 190 -9.79 -13.55 -6.32
N LEU B 191 -8.60 -13.03 -6.06
CA LEU B 191 -7.38 -13.57 -6.67
C LEU B 191 -6.81 -14.66 -5.77
N GLN B 192 -7.32 -15.88 -5.97
CA GLN B 192 -7.13 -17.02 -5.09
C GLN B 192 -5.70 -17.53 -4.92
N GLU B 193 -4.80 -17.21 -5.86
CA GLU B 193 -3.46 -17.79 -5.81
C GLU B 193 -2.51 -17.10 -4.81
N TRP B 194 -2.82 -15.87 -4.41
CA TRP B 194 -1.87 -15.07 -3.66
C TRP B 194 -2.02 -15.31 -2.16
N ARG B 195 -0.91 -15.29 -1.46
CA ARG B 195 -0.86 -15.29 0.00
C ARG B 195 -0.04 -14.11 0.49
N VAL B 196 -0.54 -13.44 1.53
CA VAL B 196 0.12 -12.32 2.16
C VAL B 196 1.26 -12.80 3.06
N CYS B 197 2.41 -12.15 2.87
CA CYS B 197 3.61 -12.36 3.66
C CYS B 197 3.91 -11.11 4.46
N ARG B 198 4.41 -11.28 5.69
CA ARG B 198 4.58 -10.18 6.62
C ARG B 198 5.86 -10.35 7.44
N LEU B 199 6.70 -9.33 7.37
CA LEU B 199 7.91 -9.22 8.17
C LEU B 199 7.66 -8.15 9.23
N THR B 200 7.70 -8.54 10.50
CA THR B 200 7.37 -7.63 11.59
C THR B 200 8.12 -8.05 12.85
N GLY B 201 8.05 -7.20 13.87
CA GLY B 201 8.66 -7.51 15.17
C GLY B 201 10.14 -7.78 15.11
N ASP B 202 10.58 -8.75 15.91
CA ASP B 202 12.03 -9.06 16.00
C ASP B 202 12.61 -9.44 14.64
N ALA B 203 11.86 -10.17 13.82
CA ALA B 203 12.35 -10.59 12.49
C ALA B 203 12.67 -9.36 11.64
N LEU B 204 11.82 -8.34 11.70
CA LEU B 204 12.10 -7.09 10.96
C LEU B 204 13.32 -6.40 11.60
N GLU B 205 13.29 -6.22 12.92
CA GLU B 205 14.39 -5.53 13.64
C GLU B 205 15.74 -6.18 13.33
N ALA B 206 15.77 -7.49 13.19
CA ALA B 206 17.04 -8.22 12.91
C ALA B 206 17.75 -7.68 11.67
N PHE B 207 17.01 -7.05 10.76
CA PHE B 207 17.60 -6.58 9.48
C PHE B 207 18.48 -5.36 9.71
N ASP B 208 18.25 -4.67 10.81
CA ASP B 208 19.05 -3.46 11.12
C ASP B 208 20.52 -3.84 11.39
N GLN B 209 20.77 -5.08 11.74
CA GLN B 209 22.14 -5.56 12.02
C GLN B 209 22.91 -5.77 10.71
N VAL B 210 22.20 -5.87 9.60
CA VAL B 210 22.88 -6.19 8.30
C VAL B 210 23.65 -4.94 7.87
N ASN B 211 24.94 -5.10 7.63
CA ASN B 211 25.76 -3.91 7.32
C ASN B 211 25.75 -3.64 5.83
N ILE B 212 24.71 -2.96 5.36
CA ILE B 212 24.73 -2.52 3.95
C ILE B 212 24.61 -1.00 4.01
#